data_2RCB
#
_entry.id   2RCB
#
_cell.length_a   45.779
_cell.length_b   83.521
_cell.length_c   144.959
_cell.angle_alpha   90.00
_cell.angle_beta   90.00
_cell.angle_gamma   90.00
#
_symmetry.space_group_name_H-M   'P 21 21 21'
#
loop_
_entity.id
_entity.type
_entity.pdbx_description
1 polymer 'Glutamate [NMDA] receptor subunit 3B'
2 non-polymer D-SERINE
3 non-polymer GLYCEROL
4 water water
#
_entity_poly.entity_id   1
_entity_poly.type   'polypeptide(L)'
_entity_poly.pdbx_seq_one_letter_code
;GSARPKLRVVTLVEHPFVFTRESDEDGQCPAGQLCLDPGTNDSARLDALFAALVNGSVPRTLRRCCYGYCIDLLERLAED
LAFDFELYIVGDGKYGALRDGRWTGLVGDLLAGRAHMAVTSFSINSARSQVVDFTSPFFSTSLGIMVRTRGTELSGIHDP
KLHHPSQGFRFGTVWESSAEAYIKASFPEMHAHMRRHSAPTTPHGVAMLTSDPPKLNAFIMDKSLLDYEVSIDADCKLLT
VGKPFAIEGYGIGLPQNSPLTSNLSEFISRYKSSGFIDLLHDKWYKMVPCGK
;
_entity_poly.pdbx_strand_id   A,B
#
loop_
_chem_comp.id
_chem_comp.type
_chem_comp.name
_chem_comp.formula
GOL non-polymer GLYCEROL 'C3 H8 O3'
#
# COMPACT_ATOMS: atom_id res chain seq x y z
N ARG A 4 -41.94 9.83 3.88
CA ARG A 4 -40.78 9.04 4.38
C ARG A 4 -39.46 9.63 3.85
N PRO A 5 -38.73 10.34 4.73
CA PRO A 5 -37.59 11.13 4.25
C PRO A 5 -36.51 10.24 3.71
N LYS A 6 -35.75 10.73 2.72
CA LYS A 6 -34.64 9.95 2.20
C LYS A 6 -33.40 10.70 2.60
N LEU A 7 -32.53 10.04 3.33
CA LEU A 7 -31.34 10.67 3.84
C LEU A 7 -30.12 10.25 3.06
N ARG A 8 -29.23 11.21 2.77
CA ARG A 8 -27.98 10.91 2.09
C ARG A 8 -26.93 10.67 3.14
N VAL A 9 -26.31 9.50 3.05
CA VAL A 9 -25.34 9.09 4.08
C VAL A 9 -23.98 8.90 3.46
N VAL A 10 -22.98 9.56 4.03
CA VAL A 10 -21.59 9.36 3.64
C VAL A 10 -20.94 8.31 4.54
N THR A 11 -20.12 7.47 3.93
CA THR A 11 -19.40 6.45 4.68
C THR A 11 -17.91 6.39 4.25
N LEU A 12 -17.18 5.46 4.87
CA LEU A 12 -15.72 5.30 4.65
C LEU A 12 -15.56 3.80 4.87
N VAL A 13 -14.87 3.17 3.91
CA VAL A 13 -14.74 1.70 3.94
C VAL A 13 -13.64 1.38 4.92
N GLU A 14 -13.99 0.71 6.02
CA GLU A 14 -13.03 0.38 7.05
C GLU A 14 -13.51 -0.87 7.72
N HIS A 15 -12.73 -1.93 7.52
CA HIS A 15 -13.17 -3.26 8.04
C HIS A 15 -13.06 -3.36 9.55
N PRO A 16 -14.03 -4.03 10.20
CA PRO A 16 -15.23 -4.72 9.74
C PRO A 16 -16.49 -3.86 9.88
N PHE A 17 -16.31 -2.56 10.02
CA PHE A 17 -17.44 -1.65 10.16
C PHE A 17 -18.14 -1.41 8.84
N VAL A 18 -17.36 -1.22 7.77
CA VAL A 18 -17.95 -1.09 6.44
C VAL A 18 -17.04 -1.83 5.48
N PHE A 19 -17.61 -2.78 4.76
CA PHE A 19 -16.91 -3.50 3.65
C PHE A 19 -17.69 -3.18 2.35
N THR A 20 -17.09 -3.41 1.17
CA THR A 20 -17.91 -3.37 -0.05
C THR A 20 -17.54 -4.55 -0.92
N ARG A 21 -18.49 -4.94 -1.76
CA ARG A 21 -18.28 -5.90 -2.82
C ARG A 21 -18.79 -5.30 -4.12
N GLU A 22 -18.47 -5.95 -5.23
CA GLU A 22 -18.95 -5.43 -6.52
C GLU A 22 -20.46 -5.57 -6.61
N SER A 23 -21.07 -4.68 -7.41
CA SER A 23 -22.49 -4.77 -7.71
C SER A 23 -22.76 -5.90 -8.71
N ASP A 24 -24.02 -6.26 -8.85
CA ASP A 24 -24.37 -7.32 -9.78
C ASP A 24 -24.35 -6.80 -11.23
N GLU A 25 -24.74 -7.67 -12.17
CA GLU A 25 -24.67 -7.31 -13.58
C GLU A 25 -25.43 -6.04 -13.94
N ASP A 26 -26.47 -5.76 -13.16
CA ASP A 26 -27.34 -4.60 -13.36
C ASP A 26 -27.00 -3.41 -12.48
N GLY A 27 -25.92 -3.51 -11.74
CA GLY A 27 -25.49 -2.41 -10.86
C GLY A 27 -26.30 -2.33 -9.58
N GLN A 28 -26.97 -3.45 -9.25
CA GLN A 28 -27.76 -3.52 -8.02
C GLN A 28 -27.12 -4.49 -7.01
N CYS A 29 -27.69 -4.55 -5.81
CA CYS A 29 -27.07 -5.28 -4.72
C CYS A 29 -28.07 -6.25 -4.11
N PRO A 30 -28.04 -7.53 -4.52
CA PRO A 30 -28.91 -8.50 -3.87
C PRO A 30 -28.54 -8.73 -2.40
N ALA A 31 -27.32 -8.37 -2.05
CA ALA A 31 -26.85 -8.47 -0.68
C ALA A 31 -26.12 -7.16 -0.41
N GLY A 32 -26.48 -6.52 0.68
CA GLY A 32 -25.85 -5.24 0.99
C GLY A 32 -26.70 -4.09 0.49
N GLN A 33 -26.10 -2.90 0.55
CA GLN A 33 -26.78 -1.69 0.17
C GLN A 33 -25.95 -1.00 -0.92
N LEU A 34 -26.64 -0.60 -2.00
CA LEU A 34 -25.96 0.17 -3.04
C LEU A 34 -25.31 1.42 -2.48
N CYS A 35 -24.01 1.55 -2.74
N CYS A 35 -24.05 1.63 -2.85
CA CYS A 35 -23.26 2.74 -2.37
CA CYS A 35 -23.23 2.73 -2.33
C CYS A 35 -22.53 3.21 -3.61
C CYS A 35 -22.31 3.23 -3.41
N LEU A 36 -22.45 4.52 -3.75
CA LEU A 36 -21.73 5.10 -4.87
C LEU A 36 -20.29 5.30 -4.43
N ASP A 37 -19.39 5.26 -5.39
CA ASP A 37 -17.94 5.53 -5.14
C ASP A 37 -17.50 6.65 -6.09
N PRO A 38 -17.96 7.86 -5.82
CA PRO A 38 -17.79 9.02 -6.73
C PRO A 38 -16.36 9.56 -6.81
N GLY A 39 -15.59 9.45 -5.74
CA GLY A 39 -14.21 9.96 -5.78
C GLY A 39 -14.15 11.46 -5.87
N THR A 40 -15.15 12.15 -5.32
CA THR A 40 -15.20 13.62 -5.45
C THR A 40 -15.80 14.30 -4.23
N ASN A 41 -15.36 15.53 -3.97
CA ASN A 41 -16.02 16.35 -2.96
C ASN A 41 -16.70 17.54 -3.61
N ASP A 42 -16.94 17.44 -4.91
CA ASP A 42 -17.62 18.50 -5.67
C ASP A 42 -19.13 18.30 -5.44
N SER A 43 -19.76 19.23 -4.76
CA SER A 43 -21.17 19.05 -4.42
C SER A 43 -22.03 18.86 -5.66
N ALA A 44 -21.81 19.66 -6.69
CA ALA A 44 -22.59 19.50 -7.91
C ALA A 44 -22.40 18.13 -8.56
N ARG A 45 -21.17 17.61 -8.56
CA ARG A 45 -20.97 16.31 -9.16
C ARG A 45 -21.66 15.24 -8.35
N LEU A 46 -21.62 15.36 -7.01
CA LEU A 46 -22.29 14.39 -6.15
CA LEU A 46 -22.29 14.41 -6.14
C LEU A 46 -23.80 14.40 -6.38
N ASP A 47 -24.41 15.59 -6.43
CA ASP A 47 -25.84 15.68 -6.68
C ASP A 47 -26.19 15.03 -8.00
N ALA A 48 -25.38 15.30 -9.02
CA ALA A 48 -25.67 14.81 -10.36
C ALA A 48 -25.57 13.30 -10.44
N LEU A 49 -24.63 12.72 -9.71
CA LEU A 49 -24.42 11.28 -9.72
C LEU A 49 -25.63 10.61 -9.10
N PHE A 50 -26.11 11.11 -7.97
CA PHE A 50 -27.31 10.53 -7.40
C PHE A 50 -28.51 10.71 -8.29
N ALA A 51 -28.64 11.89 -8.92
CA ALA A 51 -29.70 12.10 -9.90
C ALA A 51 -29.61 11.11 -11.06
N ALA A 52 -28.40 10.79 -11.49
CA ALA A 52 -28.19 9.89 -12.62
C ALA A 52 -28.63 8.46 -12.33
N LEU A 53 -28.76 8.10 -11.05
CA LEU A 53 -29.30 6.79 -10.70
C LEU A 53 -30.73 6.64 -11.22
N VAL A 54 -31.45 7.75 -11.29
CA VAL A 54 -32.85 7.75 -11.72
C VAL A 54 -33.08 8.14 -13.18
N ASN A 55 -32.29 9.06 -13.71
CA ASN A 55 -32.54 9.54 -15.06
C ASN A 55 -31.31 9.56 -15.96
N GLY A 56 -30.26 8.87 -15.53
CA GLY A 56 -29.05 8.82 -16.33
C GLY A 56 -28.50 7.41 -16.33
N SER A 57 -27.17 7.29 -16.32
CA SER A 57 -26.53 6.00 -16.34
C SER A 57 -25.25 6.08 -15.54
N VAL A 58 -25.27 5.47 -14.37
CA VAL A 58 -24.07 5.42 -13.53
C VAL A 58 -23.41 4.05 -13.75
N PRO A 59 -22.14 4.03 -14.20
CA PRO A 59 -21.51 2.77 -14.53
C PRO A 59 -21.12 1.96 -13.31
N ARG A 60 -20.97 0.65 -13.51
CA ARG A 60 -20.60 -0.22 -12.41
C ARG A 60 -19.29 0.13 -11.74
N THR A 61 -18.40 0.80 -12.47
CA THR A 61 -17.13 1.23 -11.89
C THR A 61 -17.32 2.20 -10.73
N LEU A 62 -18.49 2.83 -10.66
CA LEU A 62 -18.80 3.80 -9.56
C LEU A 62 -19.87 3.28 -8.60
N ARG A 63 -20.21 1.99 -8.71
CA ARG A 63 -21.18 1.35 -7.82
C ARG A 63 -20.52 0.26 -6.99
N ARG A 64 -20.89 0.18 -5.71
CA ARG A 64 -20.41 -0.90 -4.82
C ARG A 64 -21.63 -1.30 -4.01
N CYS A 65 -21.50 -2.44 -3.36
CA CYS A 65 -22.52 -2.91 -2.41
C CYS A 65 -21.88 -2.94 -1.05
N CYS A 66 -22.39 -2.10 -0.16
N CYS A 66 -22.35 -2.10 -0.14
CA CYS A 66 -21.81 -1.94 1.17
CA CYS A 66 -21.69 -2.04 1.17
C CYS A 66 -22.43 -2.95 2.14
C CYS A 66 -22.44 -2.84 2.21
N TYR A 67 -21.67 -3.38 3.14
CA TYR A 67 -22.19 -4.25 4.18
C TYR A 67 -21.26 -4.18 5.39
N GLY A 68 -21.65 -4.74 6.53
CA GLY A 68 -20.80 -4.66 7.71
C GLY A 68 -21.55 -4.18 8.94
N TYR A 69 -20.82 -4.05 10.03
CA TYR A 69 -21.37 -3.66 11.33
C TYR A 69 -22.17 -2.36 11.22
N CYS A 70 -21.58 -1.36 10.58
CA CYS A 70 -22.27 -0.08 10.52
C CYS A 70 -23.43 -0.07 9.56
N ILE A 71 -23.38 -0.96 8.56
CA ILE A 71 -24.49 -1.02 7.64
C ILE A 71 -25.69 -1.73 8.31
N ASP A 72 -25.40 -2.77 9.09
CA ASP A 72 -26.45 -3.43 9.87
C ASP A 72 -27.05 -2.41 10.82
N LEU A 73 -26.20 -1.60 11.44
CA LEU A 73 -26.69 -0.54 12.38
C LEU A 73 -27.61 0.46 11.63
N LEU A 74 -27.13 0.94 10.49
CA LEU A 74 -27.91 1.90 9.70
C LEU A 74 -29.27 1.31 9.28
N GLU A 75 -29.28 0.08 8.80
CA GLU A 75 -30.53 -0.62 8.44
C GLU A 75 -31.51 -0.68 9.61
N ARG A 76 -31.01 -0.91 10.82
CA ARG A 76 -31.89 -1.02 11.98
C ARG A 76 -32.47 0.37 12.32
N LEU A 77 -31.62 1.39 12.27
CA LEU A 77 -32.07 2.74 12.56
C LEU A 77 -33.09 3.21 11.51
N ALA A 78 -32.87 2.88 10.24
CA ALA A 78 -33.82 3.27 9.20
C ALA A 78 -35.19 2.64 9.43
N GLU A 79 -35.16 1.42 9.92
CA GLU A 79 -36.41 0.72 10.27
C GLU A 79 -37.07 1.43 11.43
N ASP A 80 -36.31 1.64 12.51
CA ASP A 80 -36.92 2.13 13.76
C ASP A 80 -37.38 3.57 13.68
N LEU A 81 -36.66 4.36 12.88
CA LEU A 81 -36.96 5.79 12.66
C LEU A 81 -37.74 6.07 11.36
N ALA A 82 -38.03 5.02 10.60
CA ALA A 82 -38.82 5.14 9.38
C ALA A 82 -38.26 6.09 8.32
N PHE A 83 -36.97 5.96 7.99
CA PHE A 83 -36.40 6.75 6.90
C PHE A 83 -35.81 5.84 5.83
N ASP A 84 -35.68 6.37 4.62
CA ASP A 84 -34.95 5.66 3.58
C ASP A 84 -33.60 6.31 3.46
N PHE A 85 -32.68 5.64 2.78
CA PHE A 85 -31.37 6.26 2.63
C PHE A 85 -30.66 5.91 1.33
N GLU A 86 -29.62 6.70 1.03
CA GLU A 86 -28.77 6.45 -0.12
C GLU A 86 -27.37 6.73 0.41
N LEU A 87 -26.38 6.01 -0.10
CA LEU A 87 -25.04 6.05 0.47
C LEU A 87 -24.01 6.37 -0.58
N TYR A 88 -22.96 7.08 -0.18
CA TYR A 88 -21.77 7.22 -1.05
C TYR A 88 -20.54 7.15 -0.16
N ILE A 89 -19.41 6.80 -0.76
CA ILE A 89 -18.14 6.68 -0.03
C ILE A 89 -17.40 8.01 -0.17
N VAL A 90 -16.90 8.53 0.95
CA VAL A 90 -16.23 9.83 0.96
C VAL A 90 -15.08 9.85 -0.04
N GLY A 91 -14.99 10.93 -0.82
CA GLY A 91 -14.09 10.98 -1.98
C GLY A 91 -12.63 10.81 -1.67
N ASP A 92 -12.23 11.43 -0.55
CA ASP A 92 -10.82 11.43 -0.20
C ASP A 92 -10.43 10.26 0.69
N GLY A 93 -11.41 9.47 1.13
CA GLY A 93 -11.13 8.25 1.93
C GLY A 93 -10.64 8.58 3.31
N LYS A 94 -10.86 9.82 3.75
CA LYS A 94 -10.32 10.22 5.08
C LYS A 94 -11.42 10.50 6.08
N TYR A 95 -11.11 10.29 7.37
CA TYR A 95 -12.13 10.61 8.39
C TYR A 95 -12.32 12.11 8.55
N GLY A 96 -11.20 12.82 8.69
CA GLY A 96 -11.29 14.26 8.68
C GLY A 96 -10.33 14.96 9.62
N ALA A 97 -9.74 16.03 9.06
CA ALA A 97 -8.83 16.91 9.82
C ALA A 97 -8.99 18.30 9.29
N LEU A 98 -8.55 19.28 10.09
CA LEU A 98 -8.57 20.66 9.63
C LEU A 98 -7.26 20.87 8.89
N ARG A 99 -7.34 21.22 7.62
CA ARG A 99 -6.17 21.47 6.80
C ARG A 99 -6.41 22.68 5.93
N ASP A 100 -5.48 23.64 5.92
CA ASP A 100 -5.64 24.85 5.09
C ASP A 100 -6.96 25.56 5.35
N GLY A 101 -7.39 25.52 6.61
CA GLY A 101 -8.58 26.24 7.08
C GLY A 101 -9.91 25.56 6.78
N ARG A 102 -9.85 24.38 6.23
CA ARG A 102 -11.07 23.62 5.88
C ARG A 102 -10.99 22.23 6.45
N TRP A 103 -12.14 21.65 6.78
CA TRP A 103 -12.15 20.25 7.21
C TRP A 103 -12.21 19.32 6.02
N THR A 104 -11.44 18.26 6.12
CA THR A 104 -11.43 17.25 5.06
C THR A 104 -12.34 16.08 5.41
N GLY A 105 -12.39 15.09 4.52
CA GLY A 105 -13.06 13.83 4.82
C GLY A 105 -14.52 13.93 5.19
N LEU A 106 -14.95 13.01 6.04
CA LEU A 106 -16.35 12.97 6.45
C LEU A 106 -16.79 14.29 7.12
N VAL A 107 -15.91 14.87 7.92
CA VAL A 107 -16.29 16.10 8.64
C VAL A 107 -16.55 17.19 7.62
N GLY A 108 -15.67 17.29 6.59
CA GLY A 108 -15.86 18.31 5.57
C GLY A 108 -17.13 18.12 4.77
N ASP A 109 -17.50 16.88 4.47
CA ASP A 109 -18.74 16.68 3.71
C ASP A 109 -19.98 17.02 4.55
N LEU A 110 -19.93 16.77 5.86
CA LEU A 110 -21.10 17.14 6.71
C LEU A 110 -21.22 18.68 6.74
N LEU A 111 -20.09 19.37 6.92
CA LEU A 111 -20.15 20.83 7.00
C LEU A 111 -20.62 21.45 5.70
N ALA A 112 -20.21 20.87 4.58
CA ALA A 112 -20.58 21.41 3.28
C ALA A 112 -22.00 21.09 2.85
N GLY A 113 -22.69 20.29 3.65
CA GLY A 113 -24.06 19.93 3.30
C GLY A 113 -24.16 18.84 2.24
N ARG A 114 -23.13 18.03 2.13
CA ARG A 114 -23.10 16.94 1.15
C ARG A 114 -23.76 15.66 1.65
N ALA A 115 -24.07 15.61 2.94
CA ALA A 115 -24.71 14.40 3.51
C ALA A 115 -25.45 14.75 4.76
N HIS A 116 -26.54 14.03 5.03
CA HIS A 116 -27.29 14.23 6.27
C HIS A 116 -26.61 13.63 7.47
N MET A 117 -25.87 12.53 7.26
CA MET A 117 -25.14 11.91 8.33
C MET A 117 -23.93 11.13 7.77
N ALA A 118 -22.99 10.83 8.67
CA ALA A 118 -21.78 10.06 8.32
C ALA A 118 -21.81 8.82 9.21
N VAL A 119 -21.75 7.63 8.60
CA VAL A 119 -21.90 6.34 9.30
C VAL A 119 -20.75 5.42 8.95
N THR A 120 -19.85 5.21 9.91
CA THR A 120 -18.68 4.34 9.80
C THR A 120 -18.01 4.33 11.20
N SER A 121 -16.78 3.85 11.27
CA SER A 121 -16.02 3.82 12.51
C SER A 121 -15.47 5.22 12.78
N PHE A 122 -16.38 6.17 13.08
CA PHE A 122 -16.05 7.61 13.13
C PHE A 122 -15.91 8.06 14.57
N SER A 123 -14.69 8.47 14.93
CA SER A 123 -14.41 8.83 16.33
C SER A 123 -14.87 10.21 16.70
N ILE A 124 -15.44 10.27 17.90
CA ILE A 124 -15.85 11.53 18.49
C ILE A 124 -14.61 12.12 19.18
N ASN A 125 -14.25 13.33 18.79
CA ASN A 125 -13.21 14.03 19.49
C ASN A 125 -13.60 15.48 19.70
N SER A 126 -12.86 16.17 20.56
CA SER A 126 -13.33 17.49 20.93
C SER A 126 -13.22 18.48 19.78
N ALA A 127 -12.20 18.39 18.94
CA ALA A 127 -12.10 19.34 17.83
C ALA A 127 -13.29 19.15 16.86
N ARG A 128 -13.61 17.90 16.56
CA ARG A 128 -14.69 17.62 15.64
C ARG A 128 -16.03 18.02 16.24
N SER A 129 -16.21 17.77 17.53
CA SER A 129 -17.47 18.09 18.24
C SER A 129 -17.78 19.58 18.27
N GLN A 130 -16.77 20.41 18.02
CA GLN A 130 -17.00 21.86 18.04
C GLN A 130 -17.68 22.28 16.76
N VAL A 131 -17.56 21.45 15.71
CA VAL A 131 -18.06 21.85 14.39
C VAL A 131 -19.18 20.99 13.83
N VAL A 132 -19.23 19.72 14.21
CA VAL A 132 -20.34 18.87 13.82
C VAL A 132 -20.91 18.25 15.07
N ASP A 133 -22.07 17.67 14.94
CA ASP A 133 -22.61 16.92 16.07
C ASP A 133 -22.42 15.44 15.93
N PHE A 134 -22.36 14.77 17.07
CA PHE A 134 -22.33 13.31 17.09
C PHE A 134 -23.44 12.80 17.98
N THR A 135 -23.95 11.62 17.62
CA THR A 135 -24.89 10.92 18.51
C THR A 135 -24.10 10.39 19.66
N SER A 136 -24.81 9.94 20.70
N SER A 136 -24.82 9.92 20.69
CA SER A 136 -24.16 9.17 21.74
CA SER A 136 -24.18 9.13 21.72
C SER A 136 -23.42 8.00 21.06
C SER A 136 -23.40 8.00 21.03
N PRO A 137 -22.27 7.60 21.61
CA PRO A 137 -21.47 6.57 20.97
C PRO A 137 -22.09 5.20 20.93
N PHE A 138 -21.86 4.49 19.82
CA PHE A 138 -22.34 3.11 19.72
C PHE A 138 -21.23 2.11 20.03
N PHE A 139 -19.98 2.58 20.10
CA PHE A 139 -18.84 1.69 20.25
C PHE A 139 -17.74 2.53 20.88
N SER A 140 -16.81 1.90 21.59
CA SER A 140 -15.69 2.59 22.22
C SER A 140 -14.40 1.83 21.92
N THR A 141 -13.33 2.56 21.65
CA THR A 141 -12.02 1.94 21.46
C THR A 141 -10.87 2.83 21.89
N SER A 142 -9.82 2.21 22.40
CA SER A 142 -8.58 2.92 22.69
C SER A 142 -7.77 2.93 21.38
N LEU A 143 -6.73 3.75 21.33
CA LEU A 143 -5.77 3.56 20.25
C LEU A 143 -4.88 2.38 20.65
N GLY A 144 -4.23 1.84 19.65
CA GLY A 144 -3.31 0.73 19.85
C GLY A 144 -2.09 0.86 18.97
N ILE A 145 -1.15 -0.07 19.18
CA ILE A 145 0.10 -0.10 18.43
C ILE A 145 0.26 -1.51 17.92
N MET A 146 0.39 -1.63 16.60
CA MET A 146 0.61 -2.92 15.96
C MET A 146 2.08 -3.07 15.55
N VAL A 147 2.65 -4.25 15.78
CA VAL A 147 4.00 -4.56 15.39
C VAL A 147 3.99 -5.97 14.77
N ARG A 148 5.10 -6.33 14.13
CA ARG A 148 5.31 -7.72 13.74
C ARG A 148 5.66 -8.54 14.97
N THR A 149 5.29 -9.81 14.96
CA THR A 149 5.68 -10.72 16.04
C THR A 149 7.17 -10.93 16.06
N ARG A 150 7.69 -11.33 17.21
N ARG A 150 7.70 -11.30 17.21
CA ARG A 150 9.11 -11.65 17.40
CA ARG A 150 9.10 -11.63 17.31
C ARG A 150 10.09 -10.53 17.13
C ARG A 150 10.01 -10.49 16.94
N GLY A 151 9.67 -9.31 17.44
CA GLY A 151 10.52 -8.15 17.21
C GLY A 151 10.28 -7.03 18.20
N THR A 152 9.80 -5.91 17.70
CA THR A 152 9.59 -4.74 18.51
C THR A 152 8.66 -4.97 19.69
N GLU A 153 9.11 -4.53 20.86
CA GLU A 153 8.27 -4.57 22.05
C GLU A 153 8.08 -3.14 22.52
N LEU A 154 6.85 -2.79 22.89
CA LEU A 154 6.56 -1.42 23.34
C LEU A 154 5.66 -1.43 24.56
N SER A 155 5.92 -0.49 25.48
CA SER A 155 5.11 -0.44 26.68
C SER A 155 3.77 0.24 26.44
N GLY A 156 3.72 1.04 25.38
CA GLY A 156 2.58 1.89 25.12
C GLY A 156 3.11 3.19 24.56
N ILE A 157 2.29 4.23 24.63
CA ILE A 157 2.61 5.48 23.92
C ILE A 157 3.76 6.25 24.56
N HIS A 158 4.18 5.87 25.78
CA HIS A 158 5.24 6.59 26.46
C HIS A 158 6.57 5.85 26.36
N ASP A 159 6.57 4.76 25.62
CA ASP A 159 7.82 4.03 25.43
C ASP A 159 8.90 4.96 24.86
N PRO A 160 10.08 5.00 25.50
CA PRO A 160 11.18 5.82 24.97
C PRO A 160 11.60 5.51 23.55
N LYS A 161 11.30 4.30 23.05
CA LYS A 161 11.61 3.95 21.66
C LYS A 161 10.86 4.84 20.68
N LEU A 162 9.74 5.41 21.14
CA LEU A 162 8.92 6.28 20.32
C LEU A 162 9.28 7.76 20.50
N HIS A 163 9.90 8.10 21.62
CA HIS A 163 10.20 9.50 21.95
C HIS A 163 11.63 9.86 21.56
N HIS A 164 12.47 8.84 21.47
CA HIS A 164 13.84 8.99 20.99
C HIS A 164 14.17 7.79 20.12
N PRO A 165 13.55 7.73 18.93
CA PRO A 165 13.71 6.59 18.03
C PRO A 165 15.15 6.38 17.58
N SER A 166 15.58 5.12 17.62
CA SER A 166 16.91 4.74 17.19
C SER A 166 17.03 4.82 15.68
N GLN A 167 18.27 4.71 15.20
CA GLN A 167 18.52 4.75 13.77
C GLN A 167 17.75 3.66 13.03
N GLY A 168 16.95 4.08 12.04
CA GLY A 168 16.16 3.15 11.22
C GLY A 168 14.80 2.74 11.77
N PHE A 169 14.48 3.18 12.99
CA PHE A 169 13.19 2.82 13.60
C PHE A 169 12.12 3.77 13.07
N ARG A 170 11.05 3.21 12.52
CA ARG A 170 10.02 4.03 11.93
C ARG A 170 8.64 3.66 12.44
N PHE A 171 7.82 4.67 12.66
CA PHE A 171 6.45 4.42 13.06
C PHE A 171 5.50 5.49 12.52
N GLY A 172 4.25 5.10 12.40
CA GLY A 172 3.30 5.94 11.71
C GLY A 172 1.87 5.63 12.06
N THR A 173 0.99 6.46 11.49
CA THR A 173 -0.44 6.32 11.71
C THR A 173 -1.15 6.53 10.39
N VAL A 174 -2.45 6.80 10.44
CA VAL A 174 -3.22 7.07 9.22
C VAL A 174 -3.47 8.57 9.09
N TRP A 175 -3.17 9.10 7.92
CA TRP A 175 -3.39 10.54 7.68
C TRP A 175 -4.83 10.97 7.96
N GLU A 176 -4.95 12.12 8.63
CA GLU A 176 -6.27 12.76 8.80
C GLU A 176 -7.28 11.91 9.59
N SER A 177 -6.73 11.04 10.43
CA SER A 177 -7.51 10.23 11.39
C SER A 177 -7.52 10.88 12.78
N SER A 178 -8.38 10.39 13.66
CA SER A 178 -8.43 10.89 15.04
C SER A 178 -7.18 10.44 15.77
N ALA A 179 -6.62 9.30 15.38
CA ALA A 179 -5.36 8.85 15.94
C ALA A 179 -4.28 9.90 15.69
N GLU A 180 -4.18 10.36 14.44
CA GLU A 180 -3.21 11.37 14.09
C GLU A 180 -3.49 12.67 14.86
N ALA A 181 -4.76 13.03 14.98
CA ALA A 181 -5.12 14.28 15.73
C ALA A 181 -4.66 14.21 17.19
N TYR A 182 -4.80 13.04 17.80
CA TYR A 182 -4.39 12.87 19.20
C TYR A 182 -2.89 13.07 19.33
N ILE A 183 -2.11 12.45 18.44
N ILE A 183 -2.14 12.45 18.42
CA ILE A 183 -0.65 12.60 18.53
CA ILE A 183 -0.67 12.53 18.40
C ILE A 183 -0.19 14.05 18.24
C ILE A 183 -0.18 13.97 18.18
N LYS A 184 -0.77 14.67 17.23
CA LYS A 184 -0.40 16.07 16.91
C LYS A 184 -0.63 16.96 18.11
N ALA A 185 -1.71 16.69 18.86
CA ALA A 185 -2.03 17.56 20.00
C ALA A 185 -1.23 17.22 21.28
N SER A 186 -0.94 15.94 21.47
CA SER A 186 -0.40 15.44 22.72
C SER A 186 1.08 15.19 22.70
N PHE A 187 1.61 14.86 21.52
CA PHE A 187 2.99 14.48 21.36
C PHE A 187 3.51 15.12 20.10
N PRO A 188 3.56 16.45 20.07
CA PRO A 188 3.92 17.12 18.81
C PRO A 188 5.31 16.72 18.27
N GLU A 189 6.29 16.47 19.13
CA GLU A 189 7.60 16.05 18.62
C GLU A 189 7.54 14.65 18.00
N MET A 190 6.71 13.79 18.57
CA MET A 190 6.55 12.45 17.98
C MET A 190 5.88 12.55 16.61
N HIS A 191 4.88 13.43 16.51
CA HIS A 191 4.20 13.67 15.23
C HIS A 191 5.20 14.04 14.12
N ALA A 192 6.20 14.85 14.47
CA ALA A 192 7.20 15.26 13.49
C ALA A 192 7.95 14.08 12.85
N HIS A 193 8.21 13.04 13.63
CA HIS A 193 8.83 11.79 13.11
C HIS A 193 7.84 10.97 12.28
N MET A 194 6.59 10.97 12.68
CA MET A 194 5.58 10.08 12.10
C MET A 194 5.03 10.58 10.79
N ARG A 195 4.90 11.88 10.67
CA ARG A 195 4.18 12.40 9.51
C ARG A 195 4.87 12.11 8.16
N ARG A 196 6.11 11.64 8.18
CA ARG A 196 6.80 11.21 6.95
C ARG A 196 6.66 9.67 6.74
N HIS A 197 5.99 9.02 7.66
CA HIS A 197 5.90 7.56 7.62
C HIS A 197 4.48 7.04 7.79
N SER A 198 3.52 7.94 7.59
CA SER A 198 2.11 7.56 7.82
C SER A 198 1.47 7.09 6.51
N ALA A 199 0.22 6.67 6.57
CA ALA A 199 -0.44 5.96 5.45
C ALA A 199 -1.85 6.52 5.21
N PRO A 200 -2.35 6.33 3.99
CA PRO A 200 -3.69 6.88 3.69
C PRO A 200 -4.88 6.11 4.25
N THR A 201 -4.65 4.84 4.59
CA THR A 201 -5.72 3.98 5.10
C THR A 201 -5.13 2.96 6.05
N THR A 202 -5.98 2.31 6.85
CA THR A 202 -5.46 1.28 7.78
C THR A 202 -4.73 0.14 7.04
N PRO A 203 -5.36 -0.45 6.00
CA PRO A 203 -4.63 -1.50 5.27
C PRO A 203 -3.28 -1.08 4.71
N HIS A 204 -3.16 0.20 4.27
CA HIS A 204 -1.86 0.67 3.75
C HIS A 204 -0.85 0.68 4.86
N GLY A 205 -1.26 1.06 6.07
CA GLY A 205 -0.31 1.10 7.20
C GLY A 205 0.10 -0.32 7.59
N VAL A 206 -0.87 -1.25 7.67
CA VAL A 206 -0.54 -2.63 8.01
C VAL A 206 0.42 -3.20 6.96
N ALA A 207 0.18 -2.90 5.67
CA ALA A 207 1.09 -3.34 4.59
C ALA A 207 2.55 -2.87 4.77
N MET A 208 2.76 -1.72 5.39
N MET A 208 2.74 -1.74 5.43
CA MET A 208 4.11 -1.23 5.64
CA MET A 208 4.08 -1.22 5.66
C MET A 208 4.84 -2.10 6.64
C MET A 208 4.83 -1.97 6.73
N LEU A 209 4.10 -2.68 7.59
CA LEU A 209 4.71 -3.57 8.55
C LEU A 209 5.17 -4.87 7.93
N THR A 210 4.51 -5.27 6.83
CA THR A 210 4.68 -6.59 6.19
C THR A 210 5.41 -6.52 4.86
N SER A 211 5.75 -5.30 4.43
CA SER A 211 6.46 -5.16 3.13
C SER A 211 7.86 -5.75 3.23
N ASP A 212 8.50 -5.96 2.08
CA ASP A 212 9.86 -6.50 2.09
C ASP A 212 10.84 -5.51 1.47
N PRO A 213 11.67 -4.83 2.26
CA PRO A 213 11.72 -4.88 3.71
C PRO A 213 10.58 -4.06 4.29
N PRO A 214 10.31 -4.22 5.59
CA PRO A 214 9.24 -3.40 6.19
C PRO A 214 9.58 -1.93 6.14
N LYS A 215 8.55 -1.10 5.99
CA LYS A 215 8.74 0.34 6.02
C LYS A 215 8.28 0.98 7.31
N LEU A 216 7.66 0.18 8.19
CA LEU A 216 7.32 0.60 9.56
C LEU A 216 7.75 -0.51 10.50
N ASN A 217 8.12 -0.09 11.71
CA ASN A 217 8.34 -1.03 12.79
C ASN A 217 7.14 -1.05 13.71
N ALA A 218 6.35 0.04 13.71
CA ALA A 218 5.14 0.09 14.53
C ALA A 218 4.08 0.96 13.86
N PHE A 219 2.81 0.61 14.05
CA PHE A 219 1.72 1.37 13.42
C PHE A 219 0.65 1.66 14.44
N ILE A 220 0.30 2.94 14.57
CA ILE A 220 -0.62 3.37 15.62
C ILE A 220 -1.97 3.66 14.94
N MET A 221 -3.06 3.10 15.47
CA MET A 221 -4.41 3.29 14.93
C MET A 221 -5.41 2.76 15.95
N ASP A 222 -6.70 3.06 15.74
CA ASP A 222 -7.75 2.56 16.64
C ASP A 222 -7.50 1.05 16.91
N LYS A 223 -7.52 0.63 18.17
CA LYS A 223 -7.24 -0.78 18.50
C LYS A 223 -8.31 -1.70 17.87
N SER A 224 -9.55 -1.21 17.83
CA SER A 224 -10.62 -1.98 17.18
C SER A 224 -10.24 -2.42 15.75
N LEU A 225 -9.62 -1.50 15.01
CA LEU A 225 -9.29 -1.73 13.63
C LEU A 225 -8.04 -2.58 13.56
N LEU A 226 -7.06 -2.29 14.40
CA LEU A 226 -5.86 -3.16 14.43
C LEU A 226 -6.19 -4.59 14.81
N ASP A 227 -7.08 -4.77 15.78
CA ASP A 227 -7.46 -6.10 16.24
C ASP A 227 -8.04 -6.87 15.06
N TYR A 228 -8.87 -6.22 14.25
CA TYR A 228 -9.40 -6.94 13.10
C TYR A 228 -8.31 -7.37 12.13
N GLU A 229 -7.38 -6.47 11.83
CA GLU A 229 -6.28 -6.83 10.93
C GLU A 229 -5.38 -7.92 11.51
N VAL A 230 -5.18 -7.90 12.83
CA VAL A 230 -4.44 -9.00 13.46
C VAL A 230 -5.15 -10.31 13.16
N SER A 231 -6.48 -10.34 13.31
CA SER A 231 -7.23 -11.58 13.19
C SER A 231 -7.26 -12.17 11.78
N ILE A 232 -7.05 -11.36 10.75
CA ILE A 232 -7.07 -11.87 9.39
C ILE A 232 -5.68 -12.05 8.73
N ASP A 233 -4.61 -11.73 9.44
CA ASP A 233 -3.28 -11.92 8.87
C ASP A 233 -3.06 -13.38 8.59
N ALA A 234 -2.60 -13.68 7.38
CA ALA A 234 -2.51 -15.07 6.97
C ALA A 234 -1.47 -15.91 7.69
N ASP A 235 -0.51 -15.25 8.33
CA ASP A 235 0.61 -15.89 9.02
C ASP A 235 0.49 -15.68 10.53
N CYS A 236 -0.55 -14.99 10.99
CA CYS A 236 -0.63 -14.58 12.39
C CYS A 236 0.68 -13.94 12.82
N LYS A 237 1.21 -13.04 11.98
CA LYS A 237 2.51 -12.43 12.27
C LYS A 237 2.42 -10.99 12.78
N LEU A 238 1.19 -10.53 13.02
CA LEU A 238 0.96 -9.18 13.58
C LEU A 238 0.44 -9.33 15.00
N LEU A 239 0.76 -8.34 15.83
CA LEU A 239 0.37 -8.33 17.23
C LEU A 239 0.15 -6.90 17.70
N THR A 240 -0.79 -6.70 18.64
CA THR A 240 -0.91 -5.38 19.25
C THR A 240 -0.20 -5.44 20.59
N VAL A 241 0.47 -4.34 20.94
CA VAL A 241 1.31 -4.28 22.11
C VAL A 241 1.08 -2.99 22.88
N GLY A 242 1.48 -3.01 24.15
CA GLY A 242 1.41 -1.83 24.99
C GLY A 242 0.08 -1.56 25.66
N LYS A 243 0.10 -0.63 26.61
CA LYS A 243 -1.10 -0.27 27.34
C LYS A 243 -1.99 0.59 26.47
N PRO A 244 -3.30 0.43 26.62
CA PRO A 244 -4.27 1.33 25.98
C PRO A 244 -4.05 2.82 26.29
N PHE A 245 -4.44 3.64 25.31
CA PHE A 245 -4.36 5.08 25.43
C PHE A 245 -5.38 5.74 24.52
N ALA A 246 -5.73 7.00 24.84
CA ALA A 246 -6.62 7.80 24.00
C ALA A 246 -7.97 7.13 23.66
N ILE A 247 -8.70 6.73 24.70
CA ILE A 247 -10.00 6.11 24.48
C ILE A 247 -11.00 7.12 23.89
N GLU A 248 -11.72 6.69 22.85
CA GLU A 248 -12.74 7.52 22.18
C GLU A 248 -13.93 6.65 21.77
N GLY A 249 -15.10 7.28 21.66
CA GLY A 249 -16.26 6.57 21.17
C GLY A 249 -16.41 6.78 19.68
N TYR A 250 -17.09 5.85 19.03
CA TYR A 250 -17.54 6.04 17.64
C TYR A 250 -18.97 6.53 17.68
N GLY A 251 -19.29 7.54 16.89
CA GLY A 251 -20.70 7.94 16.84
C GLY A 251 -21.10 8.23 15.41
N ILE A 252 -22.40 8.39 15.18
CA ILE A 252 -22.87 8.89 13.90
C ILE A 252 -22.66 10.39 13.90
N GLY A 253 -22.07 10.90 12.81
CA GLY A 253 -21.82 12.34 12.71
C GLY A 253 -22.91 13.02 11.90
N LEU A 254 -23.30 14.24 12.30
CA LEU A 254 -24.34 14.99 11.59
C LEU A 254 -23.96 16.48 11.61
N PRO A 255 -24.52 17.27 10.69
CA PRO A 255 -24.28 18.70 10.77
C PRO A 255 -24.87 19.19 12.09
N GLN A 256 -24.33 20.30 12.57
N GLN A 256 -24.29 20.25 12.65
CA GLN A 256 -24.75 20.92 13.81
CA GLN A 256 -24.75 20.74 13.95
C GLN A 256 -26.27 21.16 13.85
C GLN A 256 -26.20 21.20 13.92
N ASN A 257 -26.89 20.90 15.00
CA ASN A 257 -28.33 21.23 15.16
C ASN A 257 -29.25 20.45 14.25
N SER A 258 -28.85 19.24 13.87
CA SER A 258 -29.72 18.45 13.05
C SER A 258 -30.92 17.92 13.83
N PRO A 259 -32.12 17.98 13.24
CA PRO A 259 -33.25 17.41 13.98
C PRO A 259 -33.25 15.89 14.10
N LEU A 260 -32.21 15.24 13.58
CA LEU A 260 -32.12 13.78 13.59
C LEU A 260 -31.34 13.20 14.76
N THR A 261 -30.42 14.02 15.29
CA THR A 261 -29.44 13.55 16.26
C THR A 261 -30.02 12.90 17.52
N SER A 262 -30.96 13.60 18.18
CA SER A 262 -31.62 13.07 19.37
C SER A 262 -32.28 11.70 19.16
N ASN A 263 -33.06 11.57 18.10
CA ASN A 263 -33.76 10.35 17.83
C ASN A 263 -32.76 9.21 17.60
N LEU A 264 -31.73 9.47 16.81
CA LEU A 264 -30.73 8.47 16.58
C LEU A 264 -30.06 8.03 17.87
N SER A 265 -29.71 8.99 18.74
CA SER A 265 -29.04 8.67 20.01
C SER A 265 -29.90 7.82 20.92
N GLU A 266 -31.19 8.12 20.94
CA GLU A 266 -32.14 7.37 21.77
C GLU A 266 -32.12 5.90 21.37
N PHE A 267 -32.15 5.62 20.07
CA PHE A 267 -32.12 4.22 19.61
C PHE A 267 -30.76 3.54 19.85
N ILE A 268 -29.67 4.28 19.60
CA ILE A 268 -28.36 3.77 19.93
C ILE A 268 -28.25 3.34 21.40
N SER A 269 -28.77 4.17 22.30
CA SER A 269 -28.76 3.83 23.73
C SER A 269 -29.52 2.54 24.00
N ARG A 270 -30.67 2.38 23.34
CA ARG A 270 -31.48 1.15 23.45
C ARG A 270 -30.77 -0.06 22.86
N TYR A 271 -30.05 0.15 21.78
CA TYR A 271 -29.34 -1.00 21.20
C TYR A 271 -28.21 -1.46 22.11
N LYS A 272 -27.62 -0.52 22.85
CA LYS A 272 -26.55 -0.85 23.76
C LYS A 272 -27.08 -1.67 24.93
N SER A 273 -28.14 -1.19 25.57
CA SER A 273 -28.66 -1.87 26.73
C SER A 273 -29.32 -3.21 26.40
N SER A 274 -29.92 -3.31 25.21
CA SER A 274 -30.65 -4.53 24.84
C SER A 274 -29.77 -5.69 24.37
N GLY A 275 -28.50 -5.39 24.09
CA GLY A 275 -27.50 -6.38 23.62
C GLY A 275 -27.35 -6.42 22.10
N PHE A 276 -28.03 -5.53 21.39
CA PHE A 276 -27.97 -5.54 19.90
C PHE A 276 -26.58 -5.10 19.46
N ILE A 277 -26.05 -4.10 20.14
CA ILE A 277 -24.67 -3.65 19.79
C ILE A 277 -23.67 -4.81 20.00
N ASP A 278 -23.84 -5.56 21.08
CA ASP A 278 -22.94 -6.71 21.32
C ASP A 278 -23.13 -7.77 20.25
N LEU A 279 -24.37 -7.96 19.80
CA LEU A 279 -24.60 -8.92 18.71
C LEU A 279 -23.84 -8.52 17.46
N LEU A 280 -23.91 -7.25 17.11
CA LEU A 280 -23.15 -6.78 15.94
C LEU A 280 -21.65 -7.05 16.08
N HIS A 281 -21.13 -6.84 17.28
CA HIS A 281 -19.70 -7.11 17.49
C HIS A 281 -19.41 -8.60 17.26
N ASP A 282 -20.20 -9.46 17.88
CA ASP A 282 -20.03 -10.92 17.75
C ASP A 282 -20.19 -11.40 16.31
N LYS A 283 -21.07 -10.73 15.56
CA LYS A 283 -21.31 -11.08 14.17
C LYS A 283 -20.13 -10.69 13.28
N TRP A 284 -19.61 -9.51 13.53
CA TRP A 284 -18.61 -8.92 12.64
C TRP A 284 -17.16 -9.15 13.02
N TYR A 285 -16.90 -9.46 14.29
CA TYR A 285 -15.54 -9.89 14.70
C TYR A 285 -15.52 -11.43 14.84
N ARG B 4 42.10 -10.15 -3.09
CA ARG B 4 40.66 -10.47 -3.35
C ARG B 4 39.83 -9.21 -3.17
N PRO B 5 39.39 -8.60 -4.27
CA PRO B 5 38.66 -7.34 -4.16
C PRO B 5 37.33 -7.47 -3.45
N LYS B 6 36.90 -6.42 -2.79
CA LYS B 6 35.57 -6.37 -2.18
C LYS B 6 34.72 -5.41 -2.99
N LEU B 7 33.72 -5.97 -3.66
CA LEU B 7 32.87 -5.18 -4.54
C LEU B 7 31.64 -4.75 -3.78
N ARG B 8 31.21 -3.51 -3.99
CA ARG B 8 30.00 -3.01 -3.38
C ARG B 8 28.83 -3.21 -4.35
N VAL B 9 27.83 -3.94 -3.90
CA VAL B 9 26.70 -4.30 -4.78
C VAL B 9 25.39 -3.69 -4.28
N VAL B 10 24.68 -3.02 -5.17
CA VAL B 10 23.38 -2.44 -4.82
C VAL B 10 22.32 -3.40 -5.38
N THR B 11 21.24 -3.53 -4.63
CA THR B 11 20.15 -4.41 -5.06
C THR B 11 18.82 -3.70 -4.81
N LEU B 12 17.76 -4.37 -5.23
CA LEU B 12 16.37 -3.86 -5.08
C LEU B 12 15.52 -5.07 -4.77
N VAL B 13 14.70 -5.04 -3.71
CA VAL B 13 14.00 -6.24 -3.32
C VAL B 13 12.78 -6.42 -4.18
N GLU B 14 12.74 -7.56 -4.84
CA GLU B 14 11.71 -7.85 -5.82
C GLU B 14 11.62 -9.33 -5.93
N HIS B 15 10.47 -9.89 -5.51
CA HIS B 15 10.30 -11.33 -5.44
C HIS B 15 10.03 -11.87 -6.83
N PRO B 16 10.60 -13.04 -7.18
CA PRO B 16 11.50 -13.90 -6.39
C PRO B 16 13.00 -13.74 -6.67
N PHE B 17 13.40 -12.58 -7.14
CA PHE B 17 14.80 -12.34 -7.49
C PHE B 17 15.62 -11.93 -6.29
N VAL B 18 15.04 -11.05 -5.46
CA VAL B 18 15.63 -10.69 -4.21
C VAL B 18 14.53 -10.67 -3.14
N PHE B 19 14.68 -11.48 -2.08
CA PHE B 19 13.79 -11.38 -0.91
C PHE B 19 14.70 -11.00 0.23
N THR B 20 14.10 -10.56 1.33
CA THR B 20 14.87 -10.43 2.53
C THR B 20 14.06 -10.93 3.72
N ARG B 21 14.79 -11.39 4.71
CA ARG B 21 14.20 -11.63 6.01
C ARG B 21 15.03 -10.92 7.08
N GLU B 22 14.50 -10.89 8.30
CA GLU B 22 15.20 -10.29 9.39
C GLU B 22 16.47 -11.09 9.71
N SER B 23 17.50 -10.41 10.20
CA SER B 23 18.67 -11.07 10.69
C SER B 23 18.33 -11.77 12.01
N ASP B 24 19.22 -12.64 12.46
CA ASP B 24 18.99 -13.35 13.71
C ASP B 24 19.28 -12.42 14.90
N GLU B 25 19.13 -12.93 16.12
CA GLU B 25 19.32 -12.12 17.32
C GLU B 25 20.67 -11.39 17.37
N ASP B 26 21.68 -12.01 16.78
CA ASP B 26 23.03 -11.48 16.80
C ASP B 26 23.34 -10.68 15.54
N GLY B 27 22.32 -10.45 14.71
CA GLY B 27 22.44 -9.68 13.48
C GLY B 27 23.13 -10.44 12.36
N GLN B 28 23.08 -11.77 12.42
CA GLN B 28 23.70 -12.60 11.38
C GLN B 28 22.64 -13.30 10.54
N CYS B 29 23.07 -14.00 9.49
CA CYS B 29 22.16 -14.67 8.56
C CYS B 29 22.46 -16.18 8.47
N PRO B 30 21.58 -17.03 9.05
CA PRO B 30 21.83 -18.49 9.00
C PRO B 30 21.62 -19.04 7.59
N ALA B 31 20.92 -18.27 6.77
CA ALA B 31 20.73 -18.59 5.38
C ALA B 31 20.58 -17.24 4.71
N GLY B 32 21.30 -17.00 3.62
CA GLY B 32 21.22 -15.71 2.93
C GLY B 32 22.46 -14.88 3.17
N GLN B 33 22.45 -13.65 2.65
CA GLN B 33 23.54 -12.71 2.79
C GLN B 33 23.17 -11.46 3.54
N LEU B 34 24.02 -11.07 4.49
CA LEU B 34 23.83 -9.85 5.25
C LEU B 34 23.88 -8.65 4.33
N CYS B 35 22.84 -7.84 4.36
CA CYS B 35 22.81 -6.68 3.51
C CYS B 35 22.32 -5.49 4.30
N LEU B 36 22.64 -4.29 3.84
CA LEU B 36 22.21 -3.09 4.53
C LEU B 36 20.96 -2.58 3.88
N ASP B 37 20.16 -1.86 4.67
CA ASP B 37 18.94 -1.18 4.18
C ASP B 37 19.04 0.26 4.66
N PRO B 38 19.93 1.04 4.03
CA PRO B 38 20.36 2.38 4.46
C PRO B 38 19.39 3.53 4.19
N GLY B 39 18.52 3.35 3.21
CA GLY B 39 17.55 4.36 2.84
C GLY B 39 18.20 5.66 2.45
N THR B 40 19.28 5.59 1.69
CA THR B 40 20.00 6.81 1.30
C THR B 40 20.81 6.69 0.01
N ASN B 41 21.04 7.84 -0.64
CA ASN B 41 21.93 7.88 -1.79
C ASN B 41 23.12 8.78 -1.49
N ASP B 42 23.42 8.96 -0.22
CA ASP B 42 24.55 9.76 0.22
C ASP B 42 25.81 8.89 0.23
N SER B 43 26.71 9.16 -0.72
CA SER B 43 27.94 8.37 -0.88
C SER B 43 28.75 8.21 0.40
N ALA B 44 28.78 9.26 1.21
CA ALA B 44 29.53 9.21 2.47
C ALA B 44 28.79 8.37 3.52
N ARG B 45 27.47 8.50 3.59
CA ARG B 45 26.68 7.70 4.52
C ARG B 45 26.89 6.20 4.31
N LEU B 46 26.82 5.76 3.04
CA LEU B 46 27.04 4.35 2.73
C LEU B 46 28.37 3.84 3.24
N ASP B 47 29.45 4.55 2.91
CA ASP B 47 30.76 4.20 3.40
C ASP B 47 30.76 3.96 4.90
N ALA B 48 30.22 4.93 5.64
CA ALA B 48 30.20 4.88 7.10
C ALA B 48 29.37 3.73 7.63
N LEU B 49 28.30 3.40 6.93
CA LEU B 49 27.42 2.29 7.29
C LEU B 49 28.11 0.93 7.11
N PHE B 50 28.82 0.77 6.00
CA PHE B 50 29.60 -0.45 5.80
C PHE B 50 30.78 -0.50 6.80
N ALA B 51 31.37 0.64 7.10
CA ALA B 51 32.47 0.70 8.08
C ALA B 51 31.90 0.63 9.49
N ALA B 52 30.68 0.12 9.58
CA ALA B 52 29.99 -0.13 10.85
C ALA B 52 29.40 -1.54 10.80
N LEU B 53 28.96 -1.97 9.61
CA LEU B 53 28.52 -3.35 9.43
C LEU B 53 29.70 -4.17 9.91
N VAL B 54 30.88 -3.61 9.67
CA VAL B 54 32.14 -4.04 10.25
C VAL B 54 32.66 -2.70 10.79
N ASN B 55 33.07 -2.62 12.05
CA ASN B 55 33.10 -3.75 12.97
C ASN B 55 31.81 -4.00 13.80
N GLY B 56 30.69 -4.29 13.13
CA GLY B 56 29.45 -4.72 13.79
C GLY B 56 28.64 -3.84 14.72
N SER B 57 28.67 -2.53 14.55
CA SER B 57 27.87 -1.63 15.40
C SER B 57 26.51 -1.28 14.79
N VAL B 58 26.40 -1.33 13.48
CA VAL B 58 25.12 -1.00 12.83
C VAL B 58 23.95 -1.75 13.47
N PRO B 59 22.85 -1.04 13.75
CA PRO B 59 21.67 -1.65 14.34
C PRO B 59 20.93 -2.63 13.41
N ARG B 60 20.26 -3.62 13.99
CA ARG B 60 19.46 -4.55 13.20
C ARG B 60 18.35 -3.85 12.39
N THR B 61 17.92 -2.66 12.84
CA THR B 61 16.91 -1.90 12.08
C THR B 61 17.39 -1.64 10.66
N LEU B 62 18.71 -1.66 10.47
CA LEU B 62 19.30 -1.45 9.16
C LEU B 62 19.88 -2.71 8.55
N ARG B 63 19.74 -3.86 9.22
CA ARG B 63 20.25 -5.12 8.70
C ARG B 63 19.15 -6.00 8.13
N ARG B 64 19.45 -6.70 7.03
CA ARG B 64 18.52 -7.67 6.45
C ARG B 64 19.33 -8.86 5.94
N CYS B 65 18.66 -9.99 5.72
CA CYS B 65 19.28 -11.18 5.16
C CYS B 65 18.68 -11.37 3.80
N CYS B 66 19.49 -11.07 2.79
CA CYS B 66 19.13 -11.07 1.38
C CYS B 66 19.20 -12.49 0.83
N TYR B 67 18.17 -12.92 0.12
CA TYR B 67 18.17 -14.25 -0.49
C TYR B 67 17.37 -14.26 -1.78
N GLY B 68 17.55 -15.28 -2.61
CA GLY B 68 16.83 -15.34 -3.87
C GLY B 68 17.61 -15.62 -5.12
N TYR B 69 16.92 -15.60 -6.26
CA TYR B 69 17.50 -15.96 -7.56
C TYR B 69 18.80 -15.18 -7.82
N CYS B 70 18.71 -13.87 -7.66
CA CYS B 70 19.86 -13.01 -7.94
C CYS B 70 20.96 -13.13 -6.91
N ILE B 71 20.62 -13.50 -5.67
CA ILE B 71 21.66 -13.65 -4.64
C ILE B 71 22.42 -14.95 -4.89
N ASP B 72 21.71 -16.03 -5.19
CA ASP B 72 22.37 -17.24 -5.65
C ASP B 72 23.34 -16.94 -6.83
N LEU B 73 22.86 -16.25 -7.87
CA LEU B 73 23.70 -15.89 -9.00
C LEU B 73 24.94 -15.10 -8.59
N LEU B 74 24.75 -14.12 -7.71
CA LEU B 74 25.88 -13.30 -7.24
C LEU B 74 26.89 -14.16 -6.49
N GLU B 75 26.40 -15.05 -5.63
CA GLU B 75 27.30 -15.94 -4.89
C GLU B 75 28.15 -16.78 -5.81
N ARG B 76 27.56 -17.31 -6.88
CA ARG B 76 28.29 -18.18 -7.83
C ARG B 76 29.30 -17.33 -8.59
N LEU B 77 28.90 -16.13 -8.99
CA LEU B 77 29.90 -15.23 -9.64
C LEU B 77 31.05 -14.85 -8.72
N ALA B 78 30.75 -14.60 -7.45
CA ALA B 78 31.76 -14.19 -6.48
C ALA B 78 32.81 -15.30 -6.31
N GLU B 79 32.32 -16.54 -6.28
CA GLU B 79 33.23 -17.70 -6.24
C GLU B 79 34.05 -17.88 -7.53
N ASP B 80 33.37 -17.84 -8.68
CA ASP B 80 34.05 -18.14 -9.97
C ASP B 80 35.08 -17.10 -10.38
N LEU B 81 34.79 -15.83 -10.09
CA LEU B 81 35.68 -14.72 -10.42
C LEU B 81 36.48 -14.27 -9.20
N ALA B 82 36.28 -14.98 -8.09
CA ALA B 82 37.04 -14.77 -6.85
C ALA B 82 37.03 -13.34 -6.32
N PHE B 83 35.84 -12.83 -6.05
CA PHE B 83 35.71 -11.55 -5.37
C PHE B 83 34.82 -11.72 -4.15
N ASP B 84 35.00 -10.81 -3.19
CA ASP B 84 34.14 -10.71 -2.02
C ASP B 84 33.19 -9.56 -2.29
N PHE B 85 32.09 -9.49 -1.55
CA PHE B 85 31.16 -8.40 -1.80
C PHE B 85 30.40 -7.99 -0.55
N GLU B 86 29.74 -6.84 -0.64
CA GLU B 86 28.92 -6.31 0.45
C GLU B 86 27.72 -5.74 -0.26
N LEU B 87 26.55 -5.82 0.36
CA LEU B 87 25.30 -5.46 -0.29
C LEU B 87 24.50 -4.39 0.40
N TYR B 88 23.88 -3.49 -0.38
CA TYR B 88 22.88 -2.59 0.21
C TYR B 88 21.69 -2.47 -0.73
N ILE B 89 20.55 -2.15 -0.14
CA ILE B 89 19.34 -1.97 -0.88
C ILE B 89 19.24 -0.54 -1.28
N VAL B 90 18.96 -0.29 -2.55
CA VAL B 90 18.84 1.08 -3.10
C VAL B 90 17.85 1.93 -2.28
N GLY B 91 18.26 3.15 -1.91
CA GLY B 91 17.48 3.93 -0.97
C GLY B 91 16.09 4.34 -1.42
N ASP B 92 15.94 4.66 -2.71
CA ASP B 92 14.65 5.13 -3.20
C ASP B 92 13.72 4.01 -3.66
N GLY B 93 14.26 2.80 -3.69
CA GLY B 93 13.55 1.55 -4.03
C GLY B 93 13.11 1.46 -5.47
N LYS B 94 13.71 2.31 -6.32
CA LYS B 94 13.37 2.32 -7.76
C LYS B 94 14.45 1.71 -8.65
N TYR B 95 14.05 1.11 -9.77
CA TYR B 95 15.04 0.64 -10.71
C TYR B 95 15.78 1.83 -11.36
N GLY B 96 15.02 2.82 -11.86
CA GLY B 96 15.63 4.03 -12.39
C GLY B 96 15.01 4.62 -13.63
N ALA B 97 14.86 5.94 -13.59
CA ALA B 97 14.34 6.66 -14.74
C ALA B 97 14.99 8.01 -14.80
N LEU B 98 14.86 8.67 -15.95
CA LEU B 98 15.37 10.02 -16.06
C LEU B 98 14.34 11.03 -15.53
N ARG B 99 14.71 11.78 -14.49
CA ARG B 99 13.80 12.78 -13.88
C ARG B 99 14.53 14.08 -13.63
N ASP B 100 14.07 15.14 -14.27
CA ASP B 100 14.69 16.45 -14.13
C ASP B 100 16.14 16.40 -14.60
N GLY B 101 16.37 15.66 -15.67
CA GLY B 101 17.69 15.55 -16.26
C GLY B 101 18.66 14.71 -15.47
N ARG B 102 18.16 13.94 -14.50
CA ARG B 102 19.02 13.08 -13.71
C ARG B 102 18.41 11.71 -13.49
N TRP B 103 19.25 10.69 -13.44
CA TRP B 103 18.74 9.33 -13.28
C TRP B 103 18.54 8.95 -11.82
N THR B 104 17.39 8.31 -11.53
CA THR B 104 17.08 7.86 -10.18
C THR B 104 17.46 6.39 -9.98
N GLY B 105 17.21 5.88 -8.77
CA GLY B 105 17.24 4.42 -8.53
C GLY B 105 18.62 3.78 -8.72
N LEU B 106 18.63 2.53 -9.18
CA LEU B 106 19.86 1.80 -9.41
C LEU B 106 20.70 2.49 -10.44
N VAL B 107 20.07 2.95 -11.52
CA VAL B 107 20.85 3.64 -12.58
C VAL B 107 21.62 4.80 -11.95
N GLY B 108 20.95 5.59 -11.13
CA GLY B 108 21.60 6.75 -10.47
C GLY B 108 22.74 6.38 -9.57
N ASP B 109 22.58 5.29 -8.82
CA ASP B 109 23.64 4.89 -7.93
C ASP B 109 24.86 4.42 -8.71
N LEU B 110 24.65 3.78 -9.86
CA LEU B 110 25.81 3.38 -10.69
C LEU B 110 26.52 4.62 -11.27
N LEU B 111 25.75 5.57 -11.79
CA LEU B 111 26.33 6.81 -12.35
C LEU B 111 27.11 7.58 -11.30
N ALA B 112 26.67 7.48 -10.05
CA ALA B 112 27.31 8.23 -8.97
C ALA B 112 28.48 7.51 -8.36
N GLY B 113 28.71 6.27 -8.78
CA GLY B 113 29.86 5.53 -8.27
C GLY B 113 29.64 4.97 -6.89
N ARG B 114 28.38 4.74 -6.54
CA ARG B 114 28.07 4.18 -5.23
C ARG B 114 28.09 2.67 -5.19
N ALA B 115 28.16 2.04 -6.35
CA ALA B 115 28.20 0.58 -6.43
C ALA B 115 29.01 0.11 -7.64
N HIS B 116 29.71 -1.03 -7.49
CA HIS B 116 30.43 -1.64 -8.60
C HIS B 116 29.46 -2.35 -9.53
N MET B 117 28.35 -2.80 -8.97
CA MET B 117 27.34 -3.47 -9.78
C MET B 117 25.99 -3.40 -9.13
N ALA B 118 24.96 -3.62 -9.95
CA ALA B 118 23.60 -3.66 -9.44
C ALA B 118 23.02 -5.03 -9.81
N VAL B 119 22.52 -5.76 -8.81
CA VAL B 119 22.07 -7.13 -9.06
C VAL B 119 20.66 -7.29 -8.54
N THR B 120 19.71 -7.46 -9.46
CA THR B 120 18.31 -7.67 -9.15
C THR B 120 17.64 -7.92 -10.48
N SER B 121 16.33 -7.80 -10.50
CA SER B 121 15.57 -8.03 -11.72
C SER B 121 15.63 -6.75 -12.55
N PHE B 122 16.82 -6.44 -13.11
CA PHE B 122 17.14 -5.14 -13.68
C PHE B 122 17.06 -5.21 -15.21
N SER B 123 16.05 -4.56 -15.79
CA SER B 123 15.88 -4.62 -17.25
C SER B 123 16.86 -3.78 -18.03
N ILE B 124 17.42 -4.40 -19.05
CA ILE B 124 18.25 -3.71 -20.03
C ILE B 124 17.34 -2.98 -21.04
N ASN B 125 17.50 -1.68 -21.16
CA ASN B 125 16.78 -0.95 -22.21
C ASN B 125 17.69 0.09 -22.86
N SER B 126 17.30 0.62 -24.04
CA SER B 126 18.21 1.50 -24.79
C SER B 126 18.65 2.72 -24.00
N ALA B 127 17.72 3.33 -23.28
CA ALA B 127 18.01 4.58 -22.57
C ALA B 127 19.02 4.39 -21.45
N ARG B 128 18.84 3.32 -20.68
CA ARG B 128 19.76 3.01 -19.59
C ARG B 128 21.13 2.69 -20.14
N SER B 129 21.12 1.92 -21.24
CA SER B 129 22.35 1.45 -21.88
C SER B 129 23.22 2.58 -22.39
N GLN B 130 22.62 3.76 -22.58
CA GLN B 130 23.43 4.91 -22.98
C GLN B 130 24.25 5.49 -21.82
N VAL B 131 23.83 5.23 -20.58
CA VAL B 131 24.51 5.82 -19.42
C VAL B 131 25.19 4.85 -18.45
N VAL B 132 24.82 3.58 -18.48
CA VAL B 132 25.53 2.58 -17.67
C VAL B 132 25.73 1.36 -18.54
N ASP B 133 26.51 0.39 -18.06
CA ASP B 133 26.69 -0.84 -18.84
C ASP B 133 25.88 -1.98 -18.26
N PHE B 134 25.53 -2.91 -19.13
CA PHE B 134 24.85 -4.16 -18.69
C PHE B 134 25.64 -5.36 -19.20
N THR B 135 25.61 -6.45 -18.43
CA THR B 135 26.17 -7.68 -18.92
C THR B 135 25.19 -8.25 -19.96
N SER B 136 25.59 -9.32 -20.63
CA SER B 136 24.61 -10.03 -21.44
C SER B 136 23.55 -10.46 -20.45
N PRO B 137 22.34 -10.65 -20.92
CA PRO B 137 21.22 -10.98 -19.99
C PRO B 137 21.26 -12.38 -19.41
N PHE B 138 20.78 -12.51 -18.19
CA PHE B 138 20.66 -13.83 -17.56
C PHE B 138 19.24 -14.36 -17.58
N PHE B 139 18.29 -13.47 -17.91
CA PHE B 139 16.86 -13.83 -17.89
C PHE B 139 16.12 -12.98 -18.90
N SER B 140 15.00 -13.46 -19.44
CA SER B 140 14.26 -12.63 -20.37
C SER B 140 12.80 -12.62 -19.96
N THR B 141 12.14 -11.47 -20.07
CA THR B 141 10.71 -11.42 -19.77
C THR B 141 9.93 -10.41 -20.61
N SER B 142 8.68 -10.75 -20.92
N SER B 142 8.67 -10.77 -20.91
CA SER B 142 7.75 -9.78 -21.51
CA SER B 142 7.70 -9.83 -21.49
C SER B 142 7.14 -8.92 -20.41
C SER B 142 7.13 -8.92 -20.40
N LEU B 143 6.46 -7.85 -20.80
CA LEU B 143 5.67 -7.05 -19.84
C LEU B 143 4.35 -7.80 -19.79
N GLY B 144 3.61 -7.63 -18.70
CA GLY B 144 2.35 -8.34 -18.54
C GLY B 144 1.33 -7.38 -17.94
N ILE B 145 0.10 -7.84 -17.90
CA ILE B 145 -1.02 -7.07 -17.36
C ILE B 145 -1.77 -8.00 -16.43
N MET B 146 -1.89 -7.59 -15.16
N MET B 146 -1.93 -7.58 -15.17
CA MET B 146 -2.63 -8.35 -14.17
CA MET B 146 -2.60 -8.39 -14.17
C MET B 146 -3.98 -7.72 -13.93
C MET B 146 -3.93 -7.73 -13.83
N VAL B 147 -4.97 -8.57 -13.68
CA VAL B 147 -6.32 -8.15 -13.33
C VAL B 147 -6.85 -9.06 -12.21
N ARG B 148 -8.00 -8.71 -11.64
CA ARG B 148 -8.67 -9.58 -10.70
C ARG B 148 -9.39 -10.60 -11.53
N THR B 149 -9.56 -11.82 -11.02
CA THR B 149 -10.29 -12.82 -11.77
C THR B 149 -11.75 -12.41 -11.90
N ARG B 150 -12.40 -12.92 -12.94
CA ARG B 150 -13.84 -12.72 -13.12
C ARG B 150 -14.27 -11.26 -13.31
N GLY B 151 -13.51 -10.52 -14.10
CA GLY B 151 -13.86 -9.13 -14.40
C GLY B 151 -13.22 -8.66 -15.68
N THR B 152 -12.30 -7.71 -15.56
CA THR B 152 -11.61 -7.13 -16.72
C THR B 152 -10.93 -8.17 -17.63
N GLU B 153 -11.12 -7.99 -18.94
CA GLU B 153 -10.52 -8.85 -19.95
C GLU B 153 -9.81 -7.93 -20.92
N LEU B 154 -8.55 -8.20 -21.23
CA LEU B 154 -7.78 -7.37 -22.15
C LEU B 154 -7.07 -8.19 -23.20
N SER B 155 -6.96 -7.66 -24.40
CA SER B 155 -6.28 -8.37 -25.46
C SER B 155 -4.77 -8.25 -25.35
N GLY B 156 -4.31 -7.25 -24.60
CA GLY B 156 -2.90 -6.88 -24.60
C GLY B 156 -2.80 -5.37 -24.62
N ILE B 157 -1.58 -4.89 -24.88
CA ILE B 157 -1.26 -3.46 -24.81
C ILE B 157 -2.01 -2.63 -25.85
N HIS B 158 -2.56 -3.28 -26.88
CA HIS B 158 -3.35 -2.55 -27.91
C HIS B 158 -4.86 -2.45 -27.64
N ASP B 159 -5.32 -2.98 -26.52
CA ASP B 159 -6.73 -3.04 -26.26
C ASP B 159 -7.28 -1.61 -26.08
N PRO B 160 -8.30 -1.20 -26.84
CA PRO B 160 -8.88 0.15 -26.61
C PRO B 160 -9.30 0.47 -25.18
N LYS B 161 -9.56 -0.53 -24.36
CA LYS B 161 -9.93 -0.27 -22.95
C LYS B 161 -8.85 0.45 -22.20
N LEU B 162 -7.60 0.26 -22.64
CA LEU B 162 -6.39 0.92 -22.06
C LEU B 162 -6.12 2.28 -22.70
N HIS B 163 -6.36 2.39 -23.99
CA HIS B 163 -6.04 3.62 -24.68
C HIS B 163 -7.08 4.69 -24.48
N HIS B 164 -8.32 4.24 -24.30
CA HIS B 164 -9.46 5.14 -24.17
C HIS B 164 -10.37 4.62 -23.08
N PRO B 165 -9.89 4.71 -21.84
CA PRO B 165 -10.60 4.11 -20.71
C PRO B 165 -12.00 4.67 -20.51
N SER B 166 -12.92 3.81 -20.14
CA SER B 166 -14.25 4.27 -19.85
C SER B 166 -14.31 4.89 -18.47
N GLN B 167 -15.41 5.57 -18.18
CA GLN B 167 -15.55 6.21 -16.90
C GLN B 167 -15.27 5.28 -15.71
N GLY B 168 -14.29 5.66 -14.87
CA GLY B 168 -14.06 4.88 -13.67
C GLY B 168 -13.06 3.75 -13.84
N PHE B 169 -12.62 3.51 -15.08
CA PHE B 169 -11.68 2.41 -15.33
C PHE B 169 -10.27 2.93 -15.12
N ARG B 170 -9.48 2.24 -14.29
CA ARG B 170 -8.16 2.73 -13.90
C ARG B 170 -7.08 1.67 -14.09
N PHE B 171 -5.95 2.07 -14.65
CA PHE B 171 -4.80 1.13 -14.74
C PHE B 171 -3.50 1.86 -14.47
N GLY B 172 -2.48 1.12 -14.05
CA GLY B 172 -1.24 1.75 -13.58
C GLY B 172 -0.05 0.84 -13.75
N THR B 173 1.13 1.36 -13.47
CA THR B 173 2.36 0.55 -13.53
C THR B 173 3.19 0.84 -12.28
N VAL B 174 4.49 0.48 -12.27
CA VAL B 174 5.36 0.86 -11.16
C VAL B 174 6.17 2.12 -11.53
N TRP B 175 6.26 3.09 -10.62
CA TRP B 175 6.99 4.33 -10.93
C TRP B 175 8.47 4.08 -11.19
N GLU B 176 9.02 4.75 -12.20
CA GLU B 176 10.47 4.73 -12.48
C GLU B 176 10.99 3.34 -12.85
N SER B 177 10.09 2.54 -13.44
CA SER B 177 10.40 1.20 -13.93
C SER B 177 10.59 1.21 -15.41
N SER B 178 11.22 0.15 -15.93
CA SER B 178 11.42 0.05 -17.37
C SER B 178 10.03 -0.14 -18.00
N ALA B 179 9.11 -0.73 -17.23
CA ALA B 179 7.72 -0.92 -17.70
C ALA B 179 7.08 0.43 -17.94
N GLU B 180 7.26 1.33 -16.97
CA GLU B 180 6.76 2.70 -17.16
C GLU B 180 7.46 3.40 -18.33
N ALA B 181 8.77 3.19 -18.42
CA ALA B 181 9.55 3.89 -19.46
C ALA B 181 9.07 3.49 -20.85
N TYR B 182 8.71 2.22 -20.99
CA TYR B 182 8.23 1.72 -22.27
C TYR B 182 6.90 2.37 -22.65
N ILE B 183 5.99 2.42 -21.69
CA ILE B 183 4.70 3.08 -21.96
C ILE B 183 4.86 4.56 -22.28
N LYS B 184 5.71 5.25 -21.53
CA LYS B 184 5.91 6.66 -21.72
C LYS B 184 6.45 6.96 -23.10
N ALA B 185 7.43 6.17 -23.54
CA ALA B 185 8.03 6.35 -24.88
C ALA B 185 7.10 5.90 -26.02
N SER B 186 6.34 4.82 -25.80
CA SER B 186 5.52 4.27 -26.87
C SER B 186 4.11 4.84 -26.98
N PHE B 187 3.46 5.08 -25.83
CA PHE B 187 2.07 5.57 -25.78
C PHE B 187 1.95 6.69 -24.77
N PRO B 188 2.44 7.89 -25.11
CA PRO B 188 2.43 9.01 -24.18
C PRO B 188 1.05 9.33 -23.66
N GLU B 189 0.02 9.18 -24.50
CA GLU B 189 -1.34 9.44 -24.04
C GLU B 189 -1.80 8.43 -22.99
N MET B 190 -1.50 7.14 -23.21
CA MET B 190 -1.79 6.11 -22.21
C MET B 190 -1.00 6.39 -20.94
N HIS B 191 0.26 6.79 -21.09
CA HIS B 191 1.07 7.15 -19.93
C HIS B 191 0.42 8.28 -19.11
N ALA B 192 -0.17 9.27 -19.78
CA ALA B 192 -0.86 10.31 -19.04
C ALA B 192 -1.98 9.76 -18.15
N HIS B 193 -2.66 8.72 -18.60
CA HIS B 193 -3.77 8.17 -17.80
C HIS B 193 -3.21 7.47 -16.56
N MET B 194 -2.08 6.82 -16.73
CA MET B 194 -1.53 6.04 -15.65
C MET B 194 -0.93 6.88 -14.53
N ARG B 195 -0.68 8.15 -14.83
CA ARG B 195 -0.14 9.13 -13.88
C ARG B 195 -0.83 9.21 -12.52
N ARG B 196 -2.16 9.06 -12.48
CA ARG B 196 -2.86 9.13 -11.21
C ARG B 196 -2.92 7.77 -10.55
N HIS B 197 -2.42 6.74 -11.22
CA HIS B 197 -2.76 5.40 -10.77
C HIS B 197 -1.59 4.46 -10.57
N SER B 198 -0.39 4.94 -10.76
CA SER B 198 0.75 4.02 -10.60
C SER B 198 1.20 3.86 -9.15
N ALA B 199 2.14 2.93 -8.95
CA ALA B 199 2.51 2.48 -7.62
C ALA B 199 4.03 2.43 -7.43
N PRO B 200 4.53 2.60 -6.20
CA PRO B 200 6.01 2.65 -6.06
C PRO B 200 6.72 1.30 -6.15
N THR B 201 5.97 0.20 -5.97
CA THR B 201 6.54 -1.17 -6.04
C THR B 201 5.52 -2.13 -6.61
N THR B 202 5.96 -3.30 -7.01
CA THR B 202 5.04 -4.30 -7.51
C THR B 202 3.95 -4.72 -6.50
N PRO B 203 4.32 -5.06 -5.27
CA PRO B 203 3.25 -5.40 -4.30
C PRO B 203 2.26 -4.28 -4.08
N HIS B 204 2.72 -3.03 -4.09
CA HIS B 204 1.78 -1.90 -3.93
C HIS B 204 0.75 -1.94 -5.04
N GLY B 205 1.18 -2.19 -6.29
CA GLY B 205 0.20 -2.18 -7.41
C GLY B 205 -0.74 -3.35 -7.31
N VAL B 206 -0.21 -4.53 -6.97
CA VAL B 206 -1.07 -5.69 -6.75
C VAL B 206 -2.12 -5.39 -5.68
N ALA B 207 -1.71 -4.73 -4.59
CA ALA B 207 -2.64 -4.40 -3.51
C ALA B 207 -3.78 -3.52 -4.01
N MET B 208 -3.52 -2.70 -5.03
N MET B 208 -3.52 -2.67 -5.02
CA MET B 208 -4.55 -1.80 -5.53
CA MET B 208 -4.57 -1.79 -5.54
C MET B 208 -5.64 -2.53 -6.28
C MET B 208 -5.68 -2.57 -6.23
N LEU B 209 -5.33 -3.72 -6.81
CA LEU B 209 -6.35 -4.53 -7.48
C LEU B 209 -7.33 -5.10 -6.47
N THR B 210 -6.87 -5.29 -5.23
CA THR B 210 -7.61 -6.03 -4.19
C THR B 210 -8.08 -5.18 -3.02
N SER B 211 -7.79 -3.89 -3.09
CA SER B 211 -8.21 -3.01 -2.02
C SER B 211 -9.73 -2.89 -1.99
N ASP B 212 -10.25 -2.29 -0.92
CA ASP B 212 -11.71 -2.18 -0.83
C ASP B 212 -12.12 -0.72 -0.71
N PRO B 213 -12.67 -0.13 -1.80
CA PRO B 213 -12.85 -0.74 -3.13
C PRO B 213 -11.53 -0.77 -3.89
N PRO B 214 -11.46 -1.54 -4.97
CA PRO B 214 -10.22 -1.57 -5.72
C PRO B 214 -9.90 -0.20 -6.26
N LYS B 215 -8.61 0.11 -6.34
CA LYS B 215 -8.20 1.38 -6.92
C LYS B 215 -7.57 1.18 -8.28
N LEU B 216 -7.43 -0.08 -8.72
CA LEU B 216 -7.04 -0.38 -10.12
C LEU B 216 -7.94 -1.46 -10.70
N ASN B 217 -8.15 -1.38 -12.01
CA ASN B 217 -8.78 -2.48 -12.80
C ASN B 217 -7.71 -3.36 -13.43
N ALA B 218 -6.56 -2.77 -13.75
CA ALA B 218 -5.42 -3.51 -14.35
C ALA B 218 -4.10 -2.94 -13.95
N PHE B 219 -3.05 -3.78 -13.88
CA PHE B 219 -1.75 -3.37 -13.40
C PHE B 219 -0.70 -3.95 -14.36
N ILE B 220 0.18 -3.09 -14.87
CA ILE B 220 1.19 -3.50 -15.87
C ILE B 220 2.56 -3.50 -15.27
N MET B 221 3.28 -4.60 -15.46
CA MET B 221 4.63 -4.76 -14.93
C MET B 221 5.28 -5.99 -15.57
N ASP B 222 6.61 -6.17 -15.37
CA ASP B 222 7.31 -7.34 -15.95
C ASP B 222 6.45 -8.57 -15.65
N LYS B 223 6.19 -9.41 -16.67
CA LYS B 223 5.34 -10.57 -16.48
C LYS B 223 6.02 -11.56 -15.52
N SER B 224 7.36 -11.60 -15.48
CA SER B 224 8.05 -12.47 -14.54
C SER B 224 7.59 -12.20 -13.10
N LEU B 225 7.40 -10.91 -12.79
CA LEU B 225 7.09 -10.50 -11.43
C LEU B 225 5.62 -10.76 -11.13
N LEU B 226 4.77 -10.44 -12.11
CA LEU B 226 3.35 -10.64 -11.99
C LEU B 226 3.02 -12.08 -11.87
N ASP B 227 3.76 -12.91 -12.57
CA ASP B 227 3.45 -14.35 -12.49
C ASP B 227 3.76 -14.87 -11.09
N TYR B 228 4.83 -14.37 -10.47
CA TYR B 228 5.16 -14.80 -9.12
C TYR B 228 4.01 -14.40 -8.19
N GLU B 229 3.55 -13.15 -8.33
CA GLU B 229 2.49 -12.72 -7.42
C GLU B 229 1.23 -13.52 -7.61
N VAL B 230 0.92 -13.88 -8.86
CA VAL B 230 -0.26 -14.75 -9.09
C VAL B 230 -0.14 -16.11 -8.39
N SER B 231 1.06 -16.71 -8.48
CA SER B 231 1.34 -18.02 -7.87
C SER B 231 1.15 -18.08 -6.36
N ILE B 232 1.38 -16.97 -5.67
CA ILE B 232 1.26 -16.98 -4.20
C ILE B 232 -0.05 -16.45 -3.65
N ASP B 233 -0.96 -16.02 -4.52
CA ASP B 233 -2.22 -15.46 -4.06
C ASP B 233 -3.06 -16.57 -3.41
N ALA B 234 -3.29 -16.46 -2.12
CA ALA B 234 -3.98 -17.50 -1.36
C ALA B 234 -5.41 -17.77 -1.82
N ASP B 235 -6.02 -16.81 -2.52
CA ASP B 235 -7.39 -16.94 -3.00
C ASP B 235 -7.46 -17.18 -4.50
N CYS B 236 -6.30 -17.31 -5.17
CA CYS B 236 -6.27 -17.48 -6.62
C CYS B 236 -7.14 -16.45 -7.35
N LYS B 237 -7.12 -15.21 -6.85
CA LYS B 237 -7.99 -14.17 -7.39
C LYS B 237 -7.27 -13.19 -8.32
N LEU B 238 -6.04 -13.50 -8.72
CA LEU B 238 -5.30 -12.64 -9.61
C LEU B 238 -4.98 -13.44 -10.87
N LEU B 239 -4.94 -12.78 -12.03
CA LEU B 239 -4.43 -13.43 -13.23
C LEU B 239 -3.78 -12.46 -14.21
N THR B 240 -2.94 -12.98 -15.09
CA THR B 240 -2.37 -12.15 -16.14
C THR B 240 -3.14 -12.41 -17.44
N VAL B 241 -3.28 -11.36 -18.25
CA VAL B 241 -4.05 -11.41 -19.51
C VAL B 241 -3.35 -10.74 -20.65
N GLY B 242 -3.86 -11.01 -21.86
CA GLY B 242 -3.31 -10.40 -23.08
C GLY B 242 -2.03 -11.03 -23.61
N LYS B 243 -1.66 -10.63 -24.81
CA LYS B 243 -0.50 -11.11 -25.51
C LYS B 243 0.74 -10.39 -25.03
N PRO B 244 1.92 -11.01 -25.19
CA PRO B 244 3.14 -10.38 -24.73
C PRO B 244 3.55 -9.18 -25.51
N PHE B 245 4.30 -8.31 -24.83
CA PHE B 245 4.79 -7.11 -25.44
C PHE B 245 5.99 -6.64 -24.66
N ALA B 246 6.83 -5.83 -25.30
CA ALA B 246 7.95 -5.21 -24.63
C ALA B 246 8.88 -6.19 -23.90
N ILE B 247 9.34 -7.19 -24.66
CA ILE B 247 10.32 -8.16 -24.15
C ILE B 247 11.66 -7.52 -23.89
N GLU B 248 12.19 -7.78 -22.69
CA GLU B 248 13.48 -7.23 -22.29
C GLU B 248 14.23 -8.27 -21.51
N GLY B 249 15.54 -8.13 -21.51
CA GLY B 249 16.35 -9.06 -20.75
C GLY B 249 16.73 -8.42 -19.44
N TYR B 250 16.99 -9.26 -18.42
CA TYR B 250 17.56 -8.79 -17.17
C TYR B 250 19.08 -8.95 -17.21
N GLY B 251 19.79 -7.89 -16.80
CA GLY B 251 21.26 -7.96 -16.74
C GLY B 251 21.79 -7.39 -15.45
N ILE B 252 23.05 -7.70 -15.16
CA ILE B 252 23.74 -7.02 -14.09
C ILE B 252 24.18 -5.62 -14.64
N GLY B 253 23.87 -4.55 -13.91
CA GLY B 253 24.22 -3.21 -14.35
C GLY B 253 25.51 -2.79 -13.69
N LEU B 254 26.34 -2.08 -14.43
CA LEU B 254 27.60 -1.58 -13.86
C LEU B 254 27.86 -0.17 -14.35
N PRO B 255 28.73 0.57 -13.65
CA PRO B 255 29.13 1.86 -14.20
C PRO B 255 29.66 1.73 -15.63
N GLN B 256 29.41 2.76 -16.43
CA GLN B 256 29.85 2.76 -17.82
C GLN B 256 31.35 2.50 -17.89
N ASN B 257 31.74 1.59 -18.79
CA ASN B 257 33.16 1.24 -19.03
C ASN B 257 33.79 0.39 -17.92
N SER B 258 32.94 -0.19 -17.08
CA SER B 258 33.45 -1.01 -16.00
C SER B 258 34.34 -2.12 -16.53
N PRO B 259 35.46 -2.34 -15.85
CA PRO B 259 36.34 -3.40 -16.27
C PRO B 259 35.81 -4.79 -15.91
N LEU B 260 34.71 -4.84 -15.19
CA LEU B 260 34.17 -6.13 -14.75
C LEU B 260 33.14 -6.75 -15.71
N THR B 261 32.44 -5.93 -16.46
CA THR B 261 31.38 -6.40 -17.35
C THR B 261 31.71 -7.57 -18.26
N SER B 262 32.82 -7.47 -18.98
CA SER B 262 33.20 -8.50 -19.93
C SER B 262 33.23 -9.91 -19.29
N ASN B 263 33.98 -10.04 -18.20
CA ASN B 263 34.13 -11.35 -17.56
C ASN B 263 32.80 -11.81 -16.97
N LEU B 264 31.98 -10.88 -16.50
CA LEU B 264 30.70 -11.29 -15.97
C LEU B 264 29.84 -11.86 -17.07
N SER B 265 29.86 -11.23 -18.26
CA SER B 265 29.11 -11.74 -19.38
C SER B 265 29.54 -13.12 -19.84
N GLU B 266 30.85 -13.40 -19.88
CA GLU B 266 31.27 -14.73 -20.31
C GLU B 266 30.84 -15.79 -19.31
N PHE B 267 30.79 -15.45 -18.02
CA PHE B 267 30.31 -16.40 -17.04
C PHE B 267 28.79 -16.62 -17.12
N ILE B 268 28.04 -15.54 -17.32
CA ILE B 268 26.60 -15.69 -17.49
C ILE B 268 26.28 -16.58 -18.68
N SER B 269 26.93 -16.31 -19.81
CA SER B 269 26.75 -17.16 -20.98
C SER B 269 27.01 -18.63 -20.65
N ARG B 270 28.13 -18.94 -19.97
CA ARG B 270 28.41 -20.31 -19.54
C ARG B 270 27.34 -20.89 -18.60
N TYR B 271 26.80 -20.05 -17.71
CA TYR B 271 25.77 -20.54 -16.79
C TYR B 271 24.47 -20.88 -17.51
N LYS B 272 24.17 -20.13 -18.56
CA LYS B 272 23.00 -20.40 -19.36
C LYS B 272 23.14 -21.73 -20.11
N SER B 273 24.33 -22.02 -20.64
CA SER B 273 24.50 -23.26 -21.40
C SER B 273 24.76 -24.48 -20.52
N SER B 274 25.28 -24.26 -19.31
CA SER B 274 25.58 -25.37 -18.39
C SER B 274 24.32 -25.81 -17.65
N GLY B 275 23.27 -25.03 -17.77
CA GLY B 275 22.00 -25.31 -17.12
C GLY B 275 21.81 -24.62 -15.77
N PHE B 276 22.86 -23.98 -15.26
CA PHE B 276 22.80 -23.33 -13.93
C PHE B 276 21.66 -22.31 -13.89
N ILE B 277 21.55 -21.50 -14.93
CA ILE B 277 20.48 -20.50 -15.02
C ILE B 277 19.10 -21.12 -14.95
N ASP B 278 18.89 -22.19 -15.71
CA ASP B 278 17.65 -22.97 -15.68
C ASP B 278 17.37 -23.51 -14.28
N LEU B 279 18.37 -24.07 -13.65
CA LEU B 279 18.28 -24.52 -12.25
C LEU B 279 17.75 -23.43 -11.30
N LEU B 280 18.35 -22.24 -11.35
CA LEU B 280 17.88 -21.17 -10.47
C LEU B 280 16.40 -20.88 -10.66
N HIS B 281 15.92 -20.98 -11.90
CA HIS B 281 14.51 -20.72 -12.19
C HIS B 281 13.57 -21.74 -11.52
N ASP B 282 14.00 -22.98 -11.46
CA ASP B 282 13.26 -24.06 -10.82
C ASP B 282 13.26 -23.92 -9.29
N LYS B 283 14.34 -23.38 -8.76
CA LYS B 283 14.50 -23.23 -7.32
C LYS B 283 13.65 -22.08 -6.81
N TRP B 284 13.58 -21.00 -7.59
CA TRP B 284 12.95 -19.79 -7.11
C TRP B 284 11.51 -19.55 -7.56
N TYR B 285 11.10 -20.19 -8.66
CA TYR B 285 9.69 -20.20 -9.08
C TYR B 285 9.03 -21.50 -8.66
N DSN C . -11.87 6.29 14.00
CA DSN C . -11.09 7.01 12.91
C DSN C . -11.42 8.48 12.85
O DSN C . -10.51 9.26 12.39
OXT DSN C . -12.55 8.82 13.21
CB DSN C . -9.60 6.74 13.03
OG DSN C . -9.01 7.26 14.27
C1 GOL D . -27.92 17.47 3.62
O1 GOL D . -28.55 18.64 4.14
C2 GOL D . -28.33 17.24 2.19
O2 GOL D . -28.05 18.43 1.47
C3 GOL D . -27.54 16.10 1.57
O3 GOL D . -27.89 15.99 0.21
N DSN E . 12.65 -4.89 -14.46
CA DSN E . 12.27 -3.65 -13.78
C DSN E . 13.15 -2.50 -14.21
O DSN E . 12.75 -1.35 -14.15
OXT DSN E . 14.32 -2.72 -14.56
CB DSN E . 10.80 -3.28 -13.94
OG DSN E . 10.53 -3.00 -15.32
#